data_4DQ2
#
_entry.id   4DQ2
#
_cell.length_a   94.598
_cell.length_b   94.598
_cell.length_c   130.626
_cell.angle_alpha   90.00
_cell.angle_beta   90.00
_cell.angle_gamma   90.00
#
_symmetry.space_group_name_H-M   'P 42 21 2'
#
loop_
_entity.id
_entity.type
_entity.pdbx_description
1 polymer 'Biotin-[acetyl-CoA-carboxylase] ligase'
2 non-polymer '((2R,3S,4R,5R)-5-(6-AMINO-9H-PURIN-9-YL)-3,4-DIHYDROXY-TETRAHYDROFURAN-2-YL)METHYL 5-((3AS,4S,6AR)-2-OXO-HEXAHYDRO-1H-THIENO[3,4-D]IMIDAZOL-4-YL)PENTYL HYDROGEN PHOSPHATE'
3 water water
#
_entity_poly.entity_id   1
_entity_poly.type   'polypeptide(L)'
_entity_poly.pdbx_seq_one_letter_code
;SKYSQDVLQLLYKNKPNYISGQSIAESLNISRTAVKKVIDQLKLEGCKIDSVNHKGHLLQQLPDIWYQGIIDQYTKSSAL
FDFSEVYDSIDSTQLAAKKSLVGNQSSFFILSDEQTKGRGRFNRHWSSSKGQGLWMSVVLRPNVAFSMISKFNLFIALGI
RDAIQHFSQDEVKVKWPNDIYIDNGKVCGFLTEMVANNDGIEAIICGIGINLTQQLENFDESIRHRATSIQLHDKNKLDR
YQFLERLLQEIEKRYNQFLTLPFSEIREEYIAASNIWNRTLLFTENDKQFKGQAIDLDYDGYLIVRDEAGESHRLISADI
DFHHHHHH
;
_entity_poly.pdbx_strand_id   A
#
loop_
_chem_comp.id
_chem_comp.type
_chem_comp.name
_chem_comp.formula
BTX non-polymer '((2R,3S,4R,5R)-5-(6-AMINO-9H-PURIN-9-YL)-3,4-DIHYDROXY-TETRAHYDROFURAN-2-YL)METHYL 5-((3AS,4S,6AR)-2-OXO-HEXAHYDRO-1H-THIENO[3,4-D]IMIDAZOL-4-YL)PENTYL HYDROGEN PHOSPHATE' 'C20 H30 N7 O8 P S'
#
# COMPACT_ATOMS: atom_id res chain seq x y z
N SER A 1 16.58 4.30 -21.95
CA SER A 1 18.03 4.33 -21.72
C SER A 1 18.40 4.56 -20.24
N LYS A 2 19.70 4.67 -20.01
CA LYS A 2 20.37 5.10 -18.79
C LYS A 2 19.73 6.35 -18.17
N TYR A 3 19.12 7.20 -19.02
CA TYR A 3 18.78 8.56 -18.62
C TYR A 3 17.26 8.78 -18.45
N SER A 4 16.44 7.82 -18.91
CA SER A 4 14.99 7.86 -18.72
C SER A 4 14.54 8.33 -17.34
N GLN A 5 14.97 7.69 -16.25
CA GLN A 5 14.57 8.07 -14.92
C GLN A 5 14.98 9.51 -14.62
N ASP A 6 16.20 9.92 -15.00
CA ASP A 6 16.66 11.26 -14.71
C ASP A 6 15.82 12.28 -15.42
N VAL A 7 15.43 11.98 -16.66
CA VAL A 7 14.65 12.93 -17.48
C VAL A 7 13.30 13.00 -16.87
N LEU A 8 12.71 11.84 -16.52
CA LEU A 8 11.40 11.79 -15.82
C LEU A 8 11.44 12.54 -14.53
N GLN A 9 12.49 12.32 -13.77
CA GLN A 9 12.63 13.08 -12.54
C GLN A 9 12.59 14.59 -12.77
N LEU A 10 13.32 15.12 -13.77
CA LEU A 10 13.35 16.57 -13.99
C LEU A 10 11.98 17.12 -14.35
N LEU A 11 11.26 16.34 -15.13
CA LEU A 11 9.94 16.68 -15.59
C LEU A 11 8.96 16.76 -14.43
N TYR A 12 9.01 15.80 -13.48
CA TYR A 12 8.13 15.80 -12.30
C TYR A 12 8.42 17.00 -11.42
N LYS A 13 9.69 17.17 -11.09
CA LYS A 13 10.18 18.32 -10.34
C LYS A 13 9.76 19.66 -10.95
N ASN A 14 9.56 19.76 -12.26
CA ASN A 14 9.39 21.12 -12.82
C ASN A 14 7.93 21.54 -12.99
N LYS A 15 7.02 20.57 -12.86
CA LYS A 15 5.60 20.83 -12.78
C LYS A 15 5.24 21.99 -11.83
N PRO A 16 4.25 22.81 -12.21
CA PRO A 16 3.46 22.79 -13.48
C PRO A 16 4.14 23.59 -14.64
N ASN A 17 5.42 23.94 -14.49
CA ASN A 17 6.13 24.62 -15.54
C ASN A 17 6.73 23.65 -16.55
N TYR A 18 6.97 24.15 -17.76
CA TYR A 18 7.60 23.40 -18.82
C TYR A 18 9.14 23.51 -18.74
N ILE A 19 9.91 22.42 -18.96
CA ILE A 19 11.35 22.65 -19.20
C ILE A 19 11.80 22.31 -20.61
N SER A 20 12.76 23.06 -21.17
CA SER A 20 13.23 22.78 -22.56
C SER A 20 14.16 21.60 -22.65
N GLY A 21 14.14 20.94 -23.82
CA GLY A 21 15.10 19.92 -24.22
C GLY A 21 16.52 20.39 -23.88
N GLN A 22 16.80 21.64 -24.24
CA GLN A 22 18.09 22.23 -24.08
C GLN A 22 18.37 22.20 -22.61
N SER A 23 17.42 22.58 -21.81
CA SER A 23 17.75 22.71 -20.40
C SER A 23 17.99 21.35 -19.73
N ILE A 24 17.32 20.32 -20.26
CA ILE A 24 17.37 18.99 -19.69
C ILE A 24 18.72 18.42 -20.11
N ALA A 25 19.12 18.70 -21.34
CA ALA A 25 20.42 18.33 -21.90
C ALA A 25 21.58 18.88 -21.09
N GLU A 26 21.50 20.17 -20.75
CA GLU A 26 22.52 20.76 -19.85
C GLU A 26 22.61 20.07 -18.50
N SER A 27 21.47 19.77 -17.87
CA SER A 27 21.45 19.14 -16.54
C SER A 27 22.18 17.80 -16.47
N LEU A 28 21.95 16.97 -17.47
CA LEU A 28 22.38 15.60 -17.51
C LEU A 28 23.65 15.49 -18.34
N ASN A 29 24.05 16.60 -18.96
CA ASN A 29 25.23 16.61 -19.83
C ASN A 29 25.09 15.61 -20.99
N ILE A 30 23.96 15.62 -21.67
CA ILE A 30 23.80 14.79 -22.84
C ILE A 30 23.31 15.67 -23.97
N SER A 31 23.32 15.15 -25.19
CA SER A 31 22.83 15.88 -26.36
C SER A 31 21.34 16.05 -26.36
N ARG A 32 20.95 17.22 -26.86
CA ARG A 32 19.58 17.53 -27.21
C ARG A 32 18.89 16.40 -27.91
N THR A 33 19.66 15.69 -28.73
CA THR A 33 19.00 14.74 -29.57
C THR A 33 18.70 13.51 -28.75
N ALA A 34 19.65 13.06 -27.89
CA ALA A 34 19.35 12.00 -26.91
C ALA A 34 18.21 12.35 -25.95
N VAL A 35 18.03 13.62 -25.65
CA VAL A 35 16.93 14.03 -24.82
C VAL A 35 15.63 13.81 -25.56
N LYS A 36 15.54 14.22 -26.84
CA LYS A 36 14.35 13.93 -27.71
C LYS A 36 14.13 12.44 -27.79
N LYS A 37 15.15 11.60 -27.96
CA LYS A 37 14.84 10.19 -28.09
C LYS A 37 14.28 9.65 -26.79
N VAL A 38 14.81 10.13 -25.64
CA VAL A 38 14.33 9.64 -24.35
C VAL A 38 12.87 10.05 -24.18
N ILE A 39 12.59 11.33 -24.46
CA ILE A 39 11.22 11.81 -24.46
C ILE A 39 10.27 11.08 -25.39
N ASP A 40 10.65 10.81 -26.65
CA ASP A 40 9.81 9.97 -27.52
C ASP A 40 9.50 8.62 -26.87
N GLN A 41 10.48 7.98 -26.24
CA GLN A 41 10.29 6.67 -25.64
C GLN A 41 9.29 6.73 -24.50
N LEU A 42 9.45 7.67 -23.57
CA LEU A 42 8.43 7.90 -22.55
C LEU A 42 6.97 8.09 -23.09
N LYS A 43 6.81 8.81 -24.20
CA LYS A 43 5.45 8.99 -24.72
C LYS A 43 4.97 7.65 -25.20
N LEU A 44 5.88 6.87 -25.81
CA LEU A 44 5.53 5.60 -26.41
C LEU A 44 5.11 4.58 -25.32
N GLU A 45 5.77 4.62 -24.17
CA GLU A 45 5.32 3.87 -22.99
C GLU A 45 4.09 4.46 -22.28
N GLY A 46 3.55 5.58 -22.75
CA GLY A 46 2.25 6.06 -22.23
C GLY A 46 2.32 7.27 -21.32
N CYS A 47 3.51 7.82 -21.10
CA CYS A 47 3.58 9.16 -20.51
C CYS A 47 2.87 10.19 -21.41
N LYS A 48 2.12 11.09 -20.80
CA LYS A 48 1.42 12.12 -21.51
C LYS A 48 2.24 13.38 -21.20
N ILE A 49 2.94 13.86 -22.25
CA ILE A 49 3.87 14.99 -22.17
C ILE A 49 3.56 16.02 -23.23
N ASP A 50 3.33 17.26 -22.80
CA ASP A 50 2.99 18.28 -23.77
C ASP A 50 4.32 18.94 -24.23
N SER A 51 4.58 18.92 -25.54
CA SER A 51 5.83 19.52 -26.07
C SER A 51 5.45 20.70 -26.93
N VAL A 52 5.89 21.87 -26.53
CA VAL A 52 5.47 23.13 -27.16
C VAL A 52 6.75 23.87 -27.60
N ASN A 53 6.78 24.24 -28.86
CA ASN A 53 7.88 24.95 -29.46
C ASN A 53 8.20 26.18 -28.65
N HIS A 54 9.48 26.41 -28.37
CA HIS A 54 9.92 27.61 -27.69
C HIS A 54 9.71 27.53 -26.18
N LYS A 55 8.94 26.55 -25.70
CA LYS A 55 8.60 26.41 -24.28
C LYS A 55 9.23 25.13 -23.67
N GLY A 56 8.96 23.99 -24.25
CA GLY A 56 9.64 22.79 -23.80
C GLY A 56 8.56 21.76 -23.45
N HIS A 57 8.79 21.01 -22.38
CA HIS A 57 7.96 19.84 -22.09
C HIS A 57 7.33 19.92 -20.71
N LEU A 58 6.14 19.38 -20.62
CA LEU A 58 5.40 19.33 -19.38
C LEU A 58 4.84 17.95 -19.28
N LEU A 59 5.16 17.27 -18.18
CA LEU A 59 4.61 15.98 -17.86
C LEU A 59 3.19 16.17 -17.42
N GLN A 60 2.22 15.60 -18.14
CA GLN A 60 0.82 15.82 -17.73
C GLN A 60 0.20 14.66 -16.97
N GLN A 61 0.64 13.44 -17.24
CA GLN A 61 0.03 12.27 -16.72
C GLN A 61 0.96 11.10 -16.88
N LEU A 62 1.15 10.31 -15.80
CA LEU A 62 1.94 9.06 -15.90
C LEU A 62 1.08 7.83 -16.20
N PRO A 63 1.65 6.80 -16.84
CA PRO A 63 0.94 5.53 -17.05
C PRO A 63 0.96 4.65 -15.76
N ASP A 64 0.31 3.47 -15.77
CA ASP A 64 0.29 2.60 -14.60
C ASP A 64 1.54 1.76 -14.51
N ILE A 65 2.67 2.43 -14.41
CA ILE A 65 3.96 1.81 -14.28
C ILE A 65 4.63 2.62 -13.18
N TRP A 66 5.32 1.95 -12.26
CA TRP A 66 6.09 2.70 -11.27
C TRP A 66 7.46 3.03 -11.82
N TYR A 67 7.88 4.27 -11.55
CA TYR A 67 9.21 4.75 -12.01
C TYR A 67 10.07 5.23 -10.86
N GLN A 68 11.28 4.67 -10.80
CA GLN A 68 12.13 4.92 -9.71
C GLN A 68 12.41 6.39 -9.62
N GLY A 69 12.54 7.03 -10.77
CA GLY A 69 12.90 8.42 -10.79
C GLY A 69 11.86 9.30 -10.16
N ILE A 70 10.59 8.97 -10.31
CA ILE A 70 9.54 9.69 -9.64
C ILE A 70 9.43 9.28 -8.14
N ILE A 71 9.54 7.98 -7.86
CA ILE A 71 9.50 7.59 -6.46
C ILE A 71 10.62 8.30 -5.69
N ASP A 72 11.82 8.44 -6.29
CA ASP A 72 12.92 9.21 -5.62
C ASP A 72 12.54 10.61 -5.08
N GLN A 73 11.60 11.29 -5.75
CA GLN A 73 11.07 12.55 -5.24
C GLN A 73 10.22 12.36 -3.98
N TYR A 74 9.42 11.29 -3.95
CA TYR A 74 8.58 11.01 -2.81
C TYR A 74 9.42 10.79 -1.56
N THR A 75 10.59 10.16 -1.68
CA THR A 75 11.45 9.88 -0.52
C THR A 75 12.33 11.05 -0.06
N LYS A 76 12.76 11.87 -1.04
CA LYS A 76 13.51 13.11 -0.77
C LYS A 76 12.68 14.04 0.06
N SER A 77 11.39 14.11 -0.21
CA SER A 77 10.61 15.07 0.55
C SER A 77 10.01 14.40 1.79
N SER A 78 10.19 13.08 1.90
CA SER A 78 9.76 12.32 3.08
C SER A 78 10.76 12.37 4.26
N ALA A 79 10.17 12.68 5.40
CA ALA A 79 10.85 12.69 6.68
C ALA A 79 10.90 11.30 7.27
N LEU A 80 10.01 10.42 6.87
CA LEU A 80 10.03 9.11 7.46
C LEU A 80 10.87 8.14 6.62
N PHE A 81 10.78 8.19 5.29
CA PHE A 81 11.43 7.18 4.43
C PHE A 81 12.80 7.59 3.91
N ASP A 82 13.80 6.83 4.25
CA ASP A 82 15.10 7.06 3.74
C ASP A 82 15.18 6.78 2.25
N PHE A 83 14.52 5.76 1.69
CA PHE A 83 14.66 5.44 0.25
C PHE A 83 13.58 4.45 -0.11
N SER A 84 13.51 4.12 -1.39
CA SER A 84 12.62 3.13 -1.86
C SER A 84 13.30 2.30 -2.92
N GLU A 85 12.85 1.07 -3.14
CA GLU A 85 13.23 0.29 -4.31
C GLU A 85 12.00 0.00 -5.21
N VAL A 86 12.12 0.23 -6.52
CA VAL A 86 11.05 -0.02 -7.46
C VAL A 86 11.41 -1.07 -8.52
N TYR A 87 10.46 -1.98 -8.81
CA TYR A 87 10.67 -3.16 -9.65
C TYR A 87 9.51 -3.30 -10.58
N ASP A 88 9.79 -3.90 -11.73
CA ASP A 88 8.74 -4.13 -12.66
C ASP A 88 8.07 -5.43 -12.25
N SER A 89 8.88 -6.43 -11.89
CA SER A 89 8.36 -7.74 -11.57
C SER A 89 9.34 -8.41 -10.65
N ILE A 90 8.88 -9.15 -9.67
CA ILE A 90 9.78 -9.67 -8.64
C ILE A 90 9.02 -10.75 -7.93
N ASP A 91 9.69 -11.62 -7.16
CA ASP A 91 8.93 -12.68 -6.42
C ASP A 91 7.89 -12.09 -5.39
N SER A 92 8.33 -11.13 -4.57
CA SER A 92 7.46 -10.51 -3.58
C SER A 92 8.17 -9.29 -2.97
N THR A 93 7.45 -8.20 -2.84
CA THR A 93 8.00 -7.05 -2.12
C THR A 93 8.35 -7.35 -0.67
N GLN A 94 7.66 -8.33 -0.08
CA GLN A 94 7.88 -8.77 1.31
C GLN A 94 9.21 -9.55 1.49
N LEU A 95 9.48 -10.51 0.62
CA LEU A 95 10.81 -11.14 0.59
C LEU A 95 11.92 -10.08 0.40
N ALA A 96 11.75 -9.22 -0.60
CA ALA A 96 12.73 -8.24 -0.95
C ALA A 96 13.02 -7.37 0.31
N ALA A 97 11.94 -6.92 0.98
CA ALA A 97 12.12 -6.08 2.18
C ALA A 97 12.76 -6.84 3.28
N LYS A 98 12.38 -8.09 3.50
CA LYS A 98 13.03 -8.80 4.61
C LYS A 98 14.52 -8.97 4.35
N LYS A 99 14.96 -8.98 3.08
CA LYS A 99 16.39 -9.11 2.70
C LYS A 99 17.08 -7.73 2.83
N SER A 100 16.40 -6.67 2.40
CA SER A 100 17.01 -5.37 2.50
C SER A 100 17.13 -4.76 3.91
N LEU A 101 16.40 -5.29 4.89
CA LEU A 101 16.43 -4.62 6.18
C LEU A 101 17.64 -5.10 6.95
N VAL A 102 18.20 -6.22 6.55
CA VAL A 102 19.30 -6.82 7.33
C VAL A 102 20.55 -5.95 7.33
N GLY A 103 21.03 -5.61 8.53
CA GLY A 103 22.34 -5.04 8.73
C GLY A 103 22.30 -3.52 8.70
N ASN A 104 21.10 -2.93 8.64
CA ASN A 104 20.96 -1.49 8.71
C ASN A 104 19.73 -1.09 9.57
N GLN A 105 19.61 0.22 9.82
CA GLN A 105 18.41 0.78 10.45
C GLN A 105 17.59 1.73 9.57
N SER A 106 17.61 1.51 8.24
CA SER A 106 16.94 2.42 7.32
C SER A 106 15.41 2.15 7.39
N SER A 107 14.63 3.18 7.12
CA SER A 107 13.22 2.99 6.88
C SER A 107 13.05 3.24 5.41
N PHE A 108 12.22 2.41 4.77
CA PHE A 108 12.12 2.42 3.33
C PHE A 108 10.86 1.65 2.95
N PHE A 109 10.46 1.74 1.67
CA PHE A 109 9.46 0.86 1.13
C PHE A 109 9.86 0.32 -0.18
N ILE A 110 9.22 -0.75 -0.61
CA ILE A 110 9.53 -1.44 -1.90
C ILE A 110 8.20 -1.58 -2.65
N LEU A 111 8.18 -1.18 -3.92
CA LEU A 111 7.00 -1.30 -4.78
C LEU A 111 7.37 -2.14 -5.99
N SER A 112 6.44 -2.91 -6.53
CA SER A 112 6.67 -3.73 -7.71
C SER A 112 5.38 -3.79 -8.48
N ASP A 113 5.50 -3.73 -9.81
CA ASP A 113 4.30 -3.62 -10.68
C ASP A 113 3.56 -4.92 -10.64
N GLU A 114 4.32 -6.03 -10.56
CA GLU A 114 3.78 -7.34 -10.51
C GLU A 114 4.56 -8.21 -9.49
N GLN A 115 3.90 -9.23 -8.91
CA GLN A 115 4.63 -10.17 -8.05
C GLN A 115 4.36 -11.52 -8.57
N THR A 116 5.36 -12.39 -8.58
CA THR A 116 5.10 -13.69 -9.17
C THR A 116 4.88 -14.65 -8.06
N LYS A 117 5.18 -14.25 -6.83
CA LYS A 117 5.06 -15.16 -5.69
C LYS A 117 4.48 -14.40 -4.49
N GLY A 118 3.43 -13.63 -4.75
CA GLY A 118 2.72 -12.89 -3.74
C GLY A 118 2.08 -13.83 -2.74
N ARG A 119 2.29 -13.54 -1.44
CA ARG A 119 1.80 -14.35 -0.33
C ARG A 119 0.99 -13.45 0.62
N GLY A 120 -0.17 -13.95 1.06
CA GLY A 120 -0.83 -13.25 2.19
C GLY A 120 -0.51 -14.05 3.44
N ARG A 121 -1.55 -14.41 4.20
CA ARG A 121 -1.37 -15.07 5.53
C ARG A 121 -1.34 -16.56 5.40
N PHE A 122 -0.62 -17.23 6.29
CA PHE A 122 -0.57 -18.66 6.30
C PHE A 122 -0.11 -19.22 4.95
N ASN A 123 0.77 -18.47 4.27
CA ASN A 123 1.31 -18.88 3.01
C ASN A 123 0.22 -18.98 1.93
N ARG A 124 -0.89 -18.29 2.10
CA ARG A 124 -1.88 -18.27 0.98
C ARG A 124 -1.40 -17.39 -0.19
N HIS A 125 -1.92 -17.63 -1.37
CA HIS A 125 -1.55 -16.88 -2.54
C HIS A 125 -2.22 -15.49 -2.56
N TRP A 126 -1.48 -14.45 -3.00
CA TRP A 126 -2.02 -13.13 -3.16
C TRP A 126 -1.80 -12.73 -4.60
N SER A 127 -2.90 -12.48 -5.24
CA SER A 127 -2.92 -12.27 -6.68
C SER A 127 -2.35 -10.89 -6.96
N SER A 128 -1.28 -10.77 -7.73
CA SER A 128 -0.65 -9.47 -7.87
C SER A 128 -0.49 -9.00 -9.36
N SER A 129 -1.57 -8.79 -10.08
CA SER A 129 -1.45 -8.52 -11.51
C SER A 129 -0.67 -7.27 -11.94
N LYS A 130 0.12 -7.48 -12.98
CA LYS A 130 0.84 -6.37 -13.66
C LYS A 130 -0.09 -5.21 -14.01
N GLY A 131 0.24 -4.01 -13.50
CA GLY A 131 -0.43 -2.76 -13.80
C GLY A 131 -1.69 -2.49 -13.01
N GLN A 132 -2.07 -3.39 -12.11
CA GLN A 132 -3.40 -3.26 -11.61
C GLN A 132 -3.59 -2.93 -10.15
N GLY A 133 -2.48 -2.96 -9.41
CA GLY A 133 -2.55 -2.72 -7.98
C GLY A 133 -1.27 -2.18 -7.40
N LEU A 134 -1.40 -1.72 -6.16
CA LEU A 134 -0.23 -1.27 -5.43
C LEU A 134 0.18 -2.48 -4.61
N TRP A 135 1.38 -3.02 -4.92
CA TRP A 135 2.00 -4.16 -4.22
C TRP A 135 3.26 -3.64 -3.60
N MET A 136 3.22 -3.48 -2.27
CA MET A 136 4.13 -2.69 -1.54
C MET A 136 4.53 -3.36 -0.21
N SER A 137 5.80 -3.19 0.19
CA SER A 137 6.19 -3.50 1.55
C SER A 137 6.82 -2.28 2.22
N VAL A 138 6.48 -1.99 3.48
CA VAL A 138 6.99 -0.86 4.17
C VAL A 138 7.85 -1.31 5.35
N VAL A 139 9.08 -0.84 5.50
CA VAL A 139 9.87 -1.21 6.68
C VAL A 139 10.04 -0.01 7.63
N LEU A 140 9.68 -0.11 8.90
CA LEU A 140 9.85 1.02 9.85
C LEU A 140 10.60 0.49 11.06
N ARG A 141 10.99 1.40 11.95
CA ARG A 141 11.91 1.11 13.03
C ARG A 141 11.42 1.73 14.35
N PRO A 142 10.26 1.30 14.82
CA PRO A 142 9.78 1.79 16.15
C PRO A 142 10.62 1.26 17.27
N ASN A 143 11.00 2.13 18.20
CA ASN A 143 11.59 1.67 19.47
C ASN A 143 10.52 1.12 20.39
N VAL A 144 10.06 -0.09 20.18
CA VAL A 144 8.99 -0.58 21.06
C VAL A 144 9.21 -2.07 21.30
N ALA A 145 8.47 -2.60 22.27
CA ALA A 145 8.62 -3.98 22.69
C ALA A 145 7.93 -4.86 21.66
N PHE A 146 8.31 -6.12 21.56
CA PHE A 146 7.77 -6.97 20.50
C PHE A 146 6.26 -7.19 20.57
N SER A 147 5.62 -7.07 21.74
CA SER A 147 4.12 -7.16 21.88
C SER A 147 3.32 -6.03 21.19
N MET A 148 3.98 -4.94 20.83
CA MET A 148 3.31 -3.83 20.16
C MET A 148 3.03 -4.12 18.70
N ILE A 149 3.43 -5.28 18.22
CA ILE A 149 3.10 -5.56 16.83
C ILE A 149 1.60 -5.42 16.58
N SER A 150 0.74 -5.96 17.46
CA SER A 150 -0.69 -5.96 17.20
C SER A 150 -1.24 -4.59 17.14
N LYS A 151 -0.71 -3.74 17.96
CA LYS A 151 -1.31 -2.45 18.04
C LYS A 151 -0.90 -1.66 16.74
N PHE A 152 0.28 -1.95 16.18
CA PHE A 152 0.73 -1.24 14.97
C PHE A 152 -0.25 -1.52 13.88
N ASN A 153 -0.59 -2.78 13.82
CA ASN A 153 -1.50 -3.32 12.84
C ASN A 153 -2.89 -2.70 12.87
N LEU A 154 -3.35 -2.36 14.07
CA LEU A 154 -4.61 -1.59 14.22
C LEU A 154 -4.48 -0.18 13.66
N PHE A 155 -3.40 0.57 13.97
CA PHE A 155 -3.28 1.94 13.45
C PHE A 155 -3.18 2.06 11.96
N ILE A 156 -2.32 1.24 11.33
CA ILE A 156 -2.02 1.24 9.93
C ILE A 156 -3.33 1.02 9.18
N ALA A 157 -4.18 0.09 9.69
CA ALA A 157 -5.47 -0.15 9.06
C ALA A 157 -6.27 1.14 8.86
N LEU A 158 -6.31 2.00 9.85
CA LEU A 158 -7.15 3.17 9.67
C LEU A 158 -6.47 4.05 8.62
N GLY A 159 -5.14 4.05 8.59
CA GLY A 159 -4.39 4.84 7.57
C GLY A 159 -4.75 4.37 6.19
N ILE A 160 -4.69 3.06 5.93
CA ILE A 160 -5.02 2.54 4.61
C ILE A 160 -6.44 2.80 4.21
N ARG A 161 -7.38 2.56 5.11
CA ARG A 161 -8.78 2.74 4.79
C ARG A 161 -9.03 4.18 4.41
N ASP A 162 -8.43 5.11 5.15
CA ASP A 162 -8.65 6.56 4.89
C ASP A 162 -8.17 6.93 3.50
N ALA A 163 -7.05 6.31 3.08
CA ALA A 163 -6.47 6.65 1.80
C ALA A 163 -7.31 6.07 0.69
N ILE A 164 -7.74 4.82 0.80
CA ILE A 164 -8.73 4.31 -0.16
C ILE A 164 -10.06 5.17 -0.11
N GLN A 165 -10.54 5.57 1.09
CA GLN A 165 -11.83 6.27 1.17
C GLN A 165 -11.86 7.54 0.31
N HIS A 166 -10.76 8.30 0.36
CA HIS A 166 -10.60 9.51 -0.44
C HIS A 166 -10.90 9.26 -1.92
N PHE A 167 -10.89 8.01 -2.35
CA PHE A 167 -11.05 7.75 -3.78
C PHE A 167 -12.28 6.94 -4.11
N SER A 168 -12.97 6.39 -3.13
CA SER A 168 -14.17 5.69 -3.55
C SER A 168 -15.36 6.49 -3.07
N GLN A 169 -16.41 6.53 -3.89
CA GLN A 169 -17.67 7.16 -3.49
C GLN A 169 -18.53 6.17 -2.68
N ASP A 170 -18.05 4.94 -2.51
CA ASP A 170 -18.74 3.98 -1.66
C ASP A 170 -18.00 3.83 -0.35
N GLU A 171 -18.70 3.28 0.63
CA GLU A 171 -18.10 3.06 1.94
C GLU A 171 -16.91 2.08 1.96
N VAL A 172 -15.84 2.45 2.64
CA VAL A 172 -14.72 1.57 2.74
C VAL A 172 -14.67 1.14 4.21
N LYS A 173 -14.61 -0.16 4.46
CA LYS A 173 -14.62 -0.63 5.84
C LYS A 173 -13.38 -1.53 6.08
N VAL A 174 -13.00 -1.63 7.34
CA VAL A 174 -11.99 -2.55 7.77
C VAL A 174 -12.58 -3.85 8.29
N LYS A 175 -12.05 -4.96 7.81
CA LYS A 175 -12.27 -6.25 8.35
C LYS A 175 -11.12 -6.75 9.25
N TRP A 176 -11.26 -6.59 10.55
CA TRP A 176 -10.20 -6.90 11.46
C TRP A 176 -9.76 -8.33 11.30
N PRO A 177 -8.45 -8.62 11.44
CA PRO A 177 -7.39 -7.58 11.65
C PRO A 177 -6.62 -7.23 10.37
N ASN A 178 -7.03 -7.71 9.18
CA ASN A 178 -6.10 -7.67 8.04
C ASN A 178 -6.64 -7.32 6.62
N ASP A 179 -7.86 -6.88 6.50
CA ASP A 179 -8.37 -6.55 5.20
C ASP A 179 -9.27 -5.32 5.19
N ILE A 180 -9.41 -4.79 3.98
CA ILE A 180 -10.18 -3.62 3.73
C ILE A 180 -11.18 -4.03 2.63
N TYR A 181 -12.48 -3.73 2.87
CA TYR A 181 -13.57 -4.03 1.94
C TYR A 181 -14.31 -2.78 1.48
N ILE A 182 -14.80 -2.87 0.24
CA ILE A 182 -15.84 -1.96 -0.25
C ILE A 182 -17.01 -2.88 -0.67
N ASP A 183 -18.15 -2.72 0.02
CA ASP A 183 -19.29 -3.68 -0.04
C ASP A 183 -18.82 -5.10 0.31
N ASN A 184 -19.06 -6.07 -0.58
CA ASN A 184 -18.57 -7.44 -0.34
C ASN A 184 -17.26 -7.69 -0.99
N GLY A 185 -16.65 -6.67 -1.61
CA GLY A 185 -15.33 -6.85 -2.26
C GLY A 185 -14.14 -6.49 -1.39
N LYS A 186 -13.26 -7.46 -1.15
CA LYS A 186 -11.95 -7.18 -0.56
C LYS A 186 -11.13 -6.28 -1.56
N VAL A 187 -10.78 -5.06 -1.18
CA VAL A 187 -10.03 -4.17 -2.02
C VAL A 187 -8.54 -4.15 -1.64
N CYS A 188 -8.24 -4.55 -0.40
CA CYS A 188 -6.88 -4.55 0.11
C CYS A 188 -6.65 -5.64 1.16
N GLY A 189 -5.47 -6.24 1.14
CA GLY A 189 -5.04 -7.08 2.24
C GLY A 189 -3.67 -6.57 2.71
N PHE A 190 -3.43 -6.62 4.03
CA PHE A 190 -2.19 -6.16 4.55
C PHE A 190 -1.81 -7.08 5.69
N LEU A 191 -0.52 -7.04 6.04
CA LEU A 191 0.00 -8.01 6.95
C LEU A 191 1.20 -7.36 7.63
N THR A 192 1.28 -7.41 8.96
CA THR A 192 2.36 -6.78 9.67
C THR A 192 3.23 -7.86 10.26
N GLU A 193 4.55 -7.79 10.02
CA GLU A 193 5.48 -8.81 10.48
C GLU A 193 6.60 -8.08 11.15
N MET A 194 7.46 -8.81 11.85
CA MET A 194 8.52 -8.16 12.60
C MET A 194 9.77 -9.01 12.70
N VAL A 195 10.92 -8.36 12.87
CA VAL A 195 12.10 -9.01 13.34
C VAL A 195 12.37 -8.44 14.74
N ALA A 196 12.57 -9.30 15.74
CA ALA A 196 12.58 -8.84 17.15
C ALA A 196 13.30 -9.83 18.06
N ASN A 197 13.68 -9.39 19.26
CA ASN A 197 14.17 -10.27 20.34
C ASN A 197 13.57 -9.76 21.68
N ASN A 198 14.01 -10.29 22.82
CA ASN A 198 13.40 -9.89 24.10
C ASN A 198 13.52 -8.37 24.42
N ASP A 199 14.46 -7.72 23.76
CA ASP A 199 14.85 -6.39 24.03
C ASP A 199 14.13 -5.40 23.12
N GLY A 200 13.36 -5.84 22.12
CA GLY A 200 12.86 -4.85 21.19
C GLY A 200 12.67 -5.27 19.78
N ILE A 201 11.77 -4.58 19.07
CA ILE A 201 11.67 -4.69 17.65
C ILE A 201 12.89 -4.10 16.90
N GLU A 202 13.46 -4.90 16.00
CA GLU A 202 14.51 -4.53 15.07
C GLU A 202 13.91 -3.96 13.79
N ALA A 203 12.84 -4.53 13.26
CA ALA A 203 12.10 -3.89 12.16
C ALA A 203 10.62 -4.32 12.16
N ILE A 204 9.71 -3.46 11.72
CA ILE A 204 8.39 -3.84 11.31
C ILE A 204 8.40 -3.86 9.78
N ILE A 205 7.75 -4.85 9.19
CA ILE A 205 7.61 -4.99 7.75
C ILE A 205 6.14 -5.16 7.50
N CYS A 206 5.51 -4.14 6.91
CA CYS A 206 4.11 -4.17 6.59
C CYS A 206 3.89 -4.38 5.12
N GLY A 207 3.32 -5.52 4.74
CA GLY A 207 2.95 -5.83 3.37
C GLY A 207 1.55 -5.35 3.03
N ILE A 208 1.44 -4.46 2.04
CA ILE A 208 0.18 -3.92 1.66
C ILE A 208 -0.12 -4.09 0.14
N GLY A 209 -1.28 -4.70 -0.14
CA GLY A 209 -1.72 -5.08 -1.44
C GLY A 209 -3.06 -4.44 -1.65
N ILE A 210 -3.13 -3.54 -2.65
CA ILE A 210 -4.35 -2.80 -2.92
C ILE A 210 -4.75 -2.91 -4.39
N ASN A 211 -5.95 -3.41 -4.65
CA ASN A 211 -6.50 -3.52 -5.98
C ASN A 211 -6.88 -2.14 -6.47
N LEU A 212 -6.22 -1.67 -7.54
CA LEU A 212 -6.37 -0.28 -7.97
C LEU A 212 -7.27 -0.18 -9.18
N THR A 213 -6.93 -0.89 -10.24
CA THR A 213 -7.69 -0.74 -11.48
C THR A 213 -8.29 -1.96 -12.12
N GLN A 214 -8.21 -3.15 -11.54
CA GLN A 214 -8.92 -4.30 -12.12
C GLN A 214 -10.38 -3.97 -12.42
N GLN A 215 -10.86 -4.48 -13.56
CA GLN A 215 -12.32 -4.70 -13.78
C GLN A 215 -12.65 -6.06 -13.21
N LEU A 216 -13.95 -6.38 -13.07
CA LEU A 216 -14.34 -7.72 -12.57
C LEU A 216 -13.74 -8.83 -13.44
N GLU A 217 -13.73 -8.60 -14.74
CA GLU A 217 -13.16 -9.53 -15.70
C GLU A 217 -11.69 -9.92 -15.36
N ASN A 218 -11.00 -9.06 -14.61
CA ASN A 218 -9.57 -9.25 -14.38
C ASN A 218 -9.18 -10.20 -13.24
N PHE A 219 -10.12 -10.50 -12.33
CA PHE A 219 -9.89 -11.36 -11.19
C PHE A 219 -10.18 -12.81 -11.53
N ASP A 220 -9.44 -13.74 -10.94
CA ASP A 220 -9.68 -15.14 -11.16
C ASP A 220 -11.09 -15.50 -10.65
N GLU A 221 -11.76 -16.36 -11.40
CA GLU A 221 -13.13 -16.76 -11.14
C GLU A 221 -13.32 -17.13 -9.63
N SER A 222 -12.31 -17.81 -9.07
CA SER A 222 -12.28 -18.26 -7.66
C SER A 222 -12.47 -17.13 -6.63
N ILE A 223 -12.04 -15.91 -6.96
CA ILE A 223 -12.20 -14.79 -6.03
C ILE A 223 -13.10 -13.63 -6.51
N ARG A 224 -13.63 -13.77 -7.71
CA ARG A 224 -14.24 -12.64 -8.42
C ARG A 224 -15.47 -12.08 -7.70
N HIS A 225 -16.29 -12.93 -7.07
CA HIS A 225 -17.45 -12.43 -6.32
C HIS A 225 -17.10 -11.80 -4.94
N ARG A 226 -15.90 -12.03 -4.43
CA ARG A 226 -15.48 -11.37 -3.18
C ARG A 226 -14.25 -10.41 -3.33
N ALA A 227 -14.03 -9.88 -4.53
CA ALA A 227 -12.91 -8.94 -4.75
C ALA A 227 -13.32 -7.68 -5.50
N THR A 228 -12.70 -6.55 -5.24
CA THR A 228 -13.02 -5.38 -5.98
C THR A 228 -11.80 -4.45 -6.09
N SER A 229 -11.93 -3.37 -6.84
CA SER A 229 -10.78 -2.52 -6.99
C SER A 229 -11.21 -1.10 -6.75
N ILE A 230 -10.26 -0.20 -6.50
CA ILE A 230 -10.65 1.15 -6.23
C ILE A 230 -11.39 1.74 -7.46
N GLN A 231 -10.90 1.41 -8.66
CA GLN A 231 -11.50 1.94 -9.89
C GLN A 231 -12.99 1.63 -9.99
N LEU A 232 -13.41 0.50 -9.43
CA LEU A 232 -14.80 0.07 -9.65
C LEU A 232 -15.77 0.91 -8.83
N HIS A 233 -15.21 1.81 -8.04
CA HIS A 233 -15.96 2.61 -7.09
C HIS A 233 -15.59 4.07 -7.23
N ASP A 234 -14.75 4.37 -8.22
CA ASP A 234 -14.34 5.76 -8.53
C ASP A 234 -14.79 6.22 -9.92
N LYS A 235 -15.53 7.33 -9.95
CA LYS A 235 -16.08 7.88 -11.20
C LYS A 235 -15.00 8.50 -12.11
N ASN A 236 -13.91 9.01 -11.51
CA ASN A 236 -12.75 9.52 -12.26
C ASN A 236 -11.71 8.43 -12.49
N LYS A 237 -10.86 8.59 -13.50
CA LYS A 237 -9.71 7.68 -13.63
C LYS A 237 -8.92 7.63 -12.31
N LEU A 238 -8.64 6.42 -11.82
CA LEU A 238 -7.83 6.36 -10.61
C LEU A 238 -6.33 6.59 -10.92
N ASP A 239 -5.69 7.60 -10.34
CA ASP A 239 -4.28 7.87 -10.69
C ASP A 239 -3.31 7.33 -9.65
N ARG A 240 -2.43 6.41 -10.06
CA ARG A 240 -1.74 5.66 -9.05
C ARG A 240 -0.73 6.46 -8.24
N TYR A 241 -0.14 7.49 -8.85
CA TYR A 241 0.83 8.38 -8.14
C TYR A 241 0.13 9.24 -7.10
N GLN A 242 -1.06 9.67 -7.44
CA GLN A 242 -1.89 10.46 -6.54
C GLN A 242 -2.31 9.60 -5.36
N PHE A 243 -2.74 8.39 -5.63
CA PHE A 243 -3.01 7.45 -4.56
C PHE A 243 -1.82 7.16 -3.66
N LEU A 244 -0.68 6.84 -4.29
CA LEU A 244 0.49 6.48 -3.50
C LEU A 244 0.79 7.63 -2.52
N GLU A 245 0.79 8.85 -3.06
CA GLU A 245 1.04 10.07 -2.28
C GLU A 245 0.12 10.20 -1.08
N ARG A 246 -1.17 10.04 -1.27
CA ARG A 246 -2.08 10.05 -0.16
C ARG A 246 -1.87 8.84 0.81
N LEU A 247 -1.65 7.63 0.27
CA LEU A 247 -1.31 6.48 1.10
C LEU A 247 -0.13 6.73 2.06
N LEU A 248 0.96 7.33 1.54
CA LEU A 248 2.15 7.63 2.34
C LEU A 248 1.89 8.69 3.33
N GLN A 249 1.06 9.66 2.99
CA GLN A 249 0.69 10.71 3.95
C GLN A 249 -0.03 10.08 5.18
N GLU A 250 -0.97 9.16 4.93
CA GLU A 250 -1.77 8.53 5.98
C GLU A 250 -0.97 7.55 6.80
N ILE A 251 -0.06 6.83 6.16
CA ILE A 251 0.74 5.85 6.85
C ILE A 251 1.57 6.57 7.89
N GLU A 252 2.10 7.74 7.50
CA GLU A 252 2.93 8.51 8.41
C GLU A 252 2.10 9.15 9.53
N LYS A 253 0.93 9.69 9.20
CA LYS A 253 0.03 10.18 10.26
C LYS A 253 -0.23 9.05 11.25
N ARG A 254 -0.66 7.87 10.80
CA ARG A 254 -1.00 6.80 11.71
C ARG A 254 0.19 6.17 12.41
N TYR A 255 1.37 6.26 11.79
CA TYR A 255 2.52 5.69 12.44
C TYR A 255 2.89 6.57 13.62
N ASN A 256 2.77 7.91 13.46
CA ASN A 256 3.04 8.82 14.59
C ASN A 256 2.01 8.68 15.67
N GLN A 257 0.75 8.52 15.29
CA GLN A 257 -0.26 8.15 16.27
C GLN A 257 0.12 6.90 17.04
N PHE A 258 0.58 5.86 16.36
CA PHE A 258 1.00 4.62 17.00
C PHE A 258 2.08 4.86 18.03
N LEU A 259 3.00 5.75 17.71
CA LEU A 259 4.11 5.96 18.63
C LEU A 259 3.69 6.79 19.81
N THR A 260 2.61 7.54 19.67
CA THR A 260 2.31 8.53 20.71
C THR A 260 1.03 8.28 21.48
N LEU A 261 0.16 7.37 21.04
CA LEU A 261 -1.19 7.24 21.63
C LEU A 261 -1.50 5.82 22.07
N PRO A 262 -2.30 5.64 23.13
CA PRO A 262 -2.84 4.26 23.40
C PRO A 262 -3.89 3.86 22.37
N PHE A 263 -4.09 2.56 22.15
CA PHE A 263 -5.19 2.16 21.28
C PHE A 263 -6.57 2.76 21.65
N SER A 264 -6.83 2.85 22.96
CA SER A 264 -8.04 3.55 23.42
C SER A 264 -8.38 4.89 22.71
N GLU A 265 -7.41 5.70 22.28
CA GLU A 265 -7.81 6.92 21.53
C GLU A 265 -8.38 6.68 20.17
N ILE A 266 -8.04 5.57 19.48
CA ILE A 266 -8.63 5.32 18.13
C ILE A 266 -9.70 4.22 18.08
N ARG A 267 -9.90 3.56 19.22
CA ARG A 267 -10.80 2.44 19.32
C ARG A 267 -12.17 2.75 18.78
N GLU A 268 -12.74 3.86 19.19
CA GLU A 268 -14.08 4.14 18.73
C GLU A 268 -14.04 4.30 17.22
N GLU A 269 -13.09 5.08 16.74
CA GLU A 269 -12.95 5.33 15.31
C GLU A 269 -12.83 3.99 14.53
N TYR A 270 -12.05 3.04 15.08
CA TYR A 270 -11.81 1.72 14.45
C TYR A 270 -13.06 0.85 14.40
N ILE A 271 -13.72 0.80 15.53
CA ILE A 271 -15.05 0.33 15.66
C ILE A 271 -16.07 0.81 14.60
N ALA A 272 -16.20 2.12 14.50
CA ALA A 272 -17.14 2.76 13.56
C ALA A 272 -16.81 2.44 12.12
N ALA A 273 -15.57 2.01 11.85
CA ALA A 273 -15.03 1.83 10.47
C ALA A 273 -15.04 0.36 10.06
N SER A 274 -15.44 -0.49 10.99
CA SER A 274 -15.27 -1.91 10.87
C SER A 274 -16.57 -2.56 10.32
N ASN A 275 -16.48 -3.64 9.56
CA ASN A 275 -17.65 -4.32 9.01
C ASN A 275 -17.89 -5.73 9.57
N ILE A 276 -17.40 -6.01 10.78
CA ILE A 276 -17.51 -7.33 11.36
C ILE A 276 -18.72 -7.54 12.30
N TRP A 277 -19.45 -6.47 12.60
CA TRP A 277 -20.52 -6.50 13.61
C TRP A 277 -21.80 -6.99 13.02
N ASN A 278 -22.58 -7.69 13.85
CA ASN A 278 -23.98 -7.94 13.56
C ASN A 278 -24.16 -8.88 12.43
N ARG A 279 -23.42 -9.96 12.44
CA ARG A 279 -23.42 -10.87 11.34
C ARG A 279 -22.60 -12.04 11.83
N THR A 280 -22.83 -13.18 11.24
CA THR A 280 -22.18 -14.41 11.55
C THR A 280 -20.86 -14.50 10.87
N LEU A 281 -19.85 -14.80 11.68
CA LEU A 281 -18.48 -14.94 11.23
C LEU A 281 -17.95 -16.36 11.33
N LEU A 282 -17.13 -16.75 10.38
CA LEU A 282 -16.45 -18.01 10.41
C LEU A 282 -15.02 -17.87 10.85
N PHE A 283 -14.64 -18.58 11.91
CA PHE A 283 -13.29 -18.53 12.44
C PHE A 283 -12.56 -19.84 12.17
N THR A 284 -11.24 -19.77 11.85
CA THR A 284 -10.40 -20.94 11.63
C THR A 284 -9.24 -20.82 12.61
N GLU A 285 -8.90 -21.90 13.33
CA GLU A 285 -7.63 -21.94 14.05
C GLU A 285 -7.10 -23.31 13.90
N ASN A 286 -6.09 -23.53 13.06
CA ASN A 286 -5.52 -24.86 12.85
C ASN A 286 -6.62 -25.86 12.58
N ASP A 287 -6.83 -26.83 13.49
CA ASP A 287 -7.89 -27.89 13.27
C ASP A 287 -9.31 -27.31 13.27
N LYS A 288 -9.60 -26.53 14.30
CA LYS A 288 -10.97 -26.14 14.59
C LYS A 288 -11.43 -25.12 13.59
N GLN A 289 -12.73 -25.19 13.31
CA GLN A 289 -13.46 -24.08 12.74
C GLN A 289 -14.72 -23.82 13.58
N PHE A 290 -15.12 -22.56 13.77
CA PHE A 290 -16.34 -22.31 14.48
C PHE A 290 -16.95 -21.03 14.04
N LYS A 291 -18.24 -20.87 14.34
CA LYS A 291 -18.97 -19.67 14.02
C LYS A 291 -19.06 -18.81 15.27
N GLY A 292 -19.44 -17.56 15.10
CA GLY A 292 -19.28 -16.60 16.16
C GLY A 292 -19.73 -15.22 15.74
N GLN A 293 -19.90 -14.40 16.77
CA GLN A 293 -20.36 -13.03 16.68
C GLN A 293 -19.28 -12.19 17.29
N ALA A 294 -18.92 -11.10 16.61
CA ALA A 294 -18.05 -10.15 17.20
C ALA A 294 -18.88 -9.26 18.12
N ILE A 295 -18.51 -9.29 19.38
CA ILE A 295 -19.23 -8.52 20.39
C ILE A 295 -18.59 -7.13 20.58
N ASP A 296 -17.26 -7.08 20.62
CA ASP A 296 -16.55 -5.85 20.99
C ASP A 296 -15.00 -5.89 20.66
N LEU A 297 -14.37 -4.71 20.62
CA LEU A 297 -12.91 -4.54 20.55
C LEU A 297 -12.41 -3.87 21.81
N ASP A 298 -11.65 -4.57 22.62
CA ASP A 298 -11.31 -4.00 23.91
C ASP A 298 -10.18 -3.00 23.80
N TYR A 299 -9.86 -2.37 24.92
CA TYR A 299 -9.01 -1.22 24.98
C TYR A 299 -7.54 -1.61 24.53
N ASP A 300 -7.15 -2.88 24.66
CA ASP A 300 -5.87 -3.35 24.14
C ASP A 300 -5.93 -3.93 22.71
N GLY A 301 -7.01 -3.78 21.98
CA GLY A 301 -7.11 -4.34 20.62
C GLY A 301 -7.55 -5.80 20.43
N TYR A 302 -7.97 -6.47 21.50
CA TYR A 302 -8.48 -7.82 21.33
C TYR A 302 -9.93 -7.82 20.84
N LEU A 303 -10.25 -8.72 19.91
CA LEU A 303 -11.63 -8.98 19.56
C LEU A 303 -12.28 -9.86 20.62
N ILE A 304 -13.38 -9.36 21.18
CA ILE A 304 -14.34 -10.13 22.01
C ILE A 304 -15.40 -10.86 21.19
N VAL A 305 -15.40 -12.17 21.31
CA VAL A 305 -16.24 -12.96 20.46
C VAL A 305 -17.13 -13.89 21.26
N ARG A 306 -18.40 -13.95 20.90
CA ARG A 306 -19.26 -15.00 21.45
C ARG A 306 -19.45 -16.06 20.37
N ASP A 307 -18.90 -17.26 20.57
CA ASP A 307 -19.08 -18.36 19.62
C ASP A 307 -20.47 -19.01 19.68
N GLU A 308 -20.82 -19.87 18.72
CA GLU A 308 -22.20 -20.32 18.56
C GLU A 308 -22.69 -21.14 19.76
N ALA A 309 -21.74 -21.60 20.57
CA ALA A 309 -22.00 -22.42 21.76
C ALA A 309 -22.10 -21.53 23.02
N GLY A 310 -22.12 -20.21 22.83
CA GLY A 310 -22.21 -19.27 23.91
C GLY A 310 -20.94 -19.02 24.67
N GLU A 311 -19.82 -19.67 24.33
CA GLU A 311 -18.53 -19.33 25.01
C GLU A 311 -17.94 -18.06 24.43
N SER A 312 -17.43 -17.21 25.33
CA SER A 312 -16.72 -15.97 25.03
C SER A 312 -15.21 -16.14 24.87
N HIS A 313 -14.65 -15.44 23.88
CA HIS A 313 -13.21 -15.49 23.59
C HIS A 313 -12.66 -14.10 23.41
N ARG A 314 -11.36 -14.03 23.67
CA ARG A 314 -10.62 -12.77 23.69
C ARG A 314 -9.41 -12.94 22.75
N LEU A 315 -9.52 -12.39 21.55
CA LEU A 315 -8.53 -12.79 20.48
C LEU A 315 -7.60 -11.66 20.04
N ILE A 316 -6.28 -11.90 20.06
CA ILE A 316 -5.35 -10.88 19.56
C ILE A 316 -5.36 -10.84 18.01
N SER A 317 -5.76 -11.96 17.38
CA SER A 317 -5.85 -12.06 15.92
C SER A 317 -6.77 -13.19 15.60
N ALA A 318 -7.15 -13.38 14.32
CA ALA A 318 -8.03 -14.50 13.87
C ALA A 318 -8.00 -14.56 12.39
N ASP A 319 -8.41 -15.65 11.69
CA ASP A 319 -8.89 -15.37 10.34
C ASP A 319 -10.29 -15.65 10.19
N ILE A 320 -10.97 -14.63 9.73
CA ILE A 320 -12.38 -14.57 9.55
C ILE A 320 -12.77 -14.58 8.08
N ASP A 321 -13.81 -15.36 7.81
CA ASP A 321 -14.62 -15.36 6.56
C ASP A 321 -16.03 -14.83 6.88
N PHE A 322 -16.71 -14.29 5.90
CA PHE A 322 -18.01 -13.74 6.09
C PHE A 322 -19.04 -14.78 5.68
P BTX B . -4.85 -13.13 3.23
O1P BTX B . -6.05 -12.77 3.97
O2P BTX B . -4.06 -14.38 3.55
O5' BTX B . -5.18 -13.74 1.80
C5' BTX B . -5.98 -13.25 0.85
C4' BTX B . -6.97 -14.22 0.28
O4' BTX B . -7.73 -13.25 -0.52
C3' BTX B . -6.57 -15.29 -0.67
O3' BTX B . -6.74 -16.61 -0.18
C2' BTX B . -7.65 -15.18 -1.73
O2' BTX B . -8.90 -15.61 -1.20
C1' BTX B . -8.00 -13.71 -1.84
N9 BTX B . -7.12 -12.90 -2.71
C8 BTX B . -5.94 -13.23 -3.27
N7 BTX B . -5.56 -12.16 -4.00
C5 BTX B . -6.47 -11.19 -3.89
C6 BTX B . -6.62 -9.86 -4.45
N6 BTX B . -5.72 -9.28 -5.26
N1 BTX B . -7.71 -9.18 -4.16
C2 BTX B . -8.80 -9.68 -3.35
N3 BTX B . -8.59 -11.00 -2.87
C4 BTX B . -7.47 -11.67 -3.09
CBB BTX B . -3.57 -10.54 3.51
OBB BTX B . -3.81 -11.92 3.00
CAB BTX B . -2.56 -10.17 2.84
C9B BTX B . -1.52 -9.84 2.18
C8B BTX B . -1.04 -8.60 1.53
C7B BTX B . -0.24 -8.96 0.28
C2B BTX B . 0.78 -7.86 0.09
S1B BTX B . 1.02 -7.52 -1.62
C6B BTX B . 2.43 -6.69 -1.02
C5B BTX B . 3.16 -7.62 -0.07
N1B BTX B . 3.89 -8.70 -0.72
C3B BTX B . 3.36 -9.91 -0.50
O3B BTX B . 3.84 -11.01 -0.96
N2B BTX B . 2.20 -9.77 0.21
C4B BTX B . 2.06 -8.39 0.68
#